data_2YHS
#
_entry.id   2YHS
#
_cell.length_a   79.358
_cell.length_b   108.412
_cell.length_c   31.902
_cell.angle_alpha   90.00
_cell.angle_beta   90.00
_cell.angle_gamma   90.00
#
_symmetry.space_group_name_H-M   'P 21 21 2'
#
loop_
_entity.id
_entity.type
_entity.pdbx_description
1 polymer 'CELL DIVISION PROTEIN FTSY'
2 non-polymer 1,2-ETHANEDIOL
3 water water
#
_entity_poly.entity_id   1
_entity_poly.type   'polypeptide(L)'
_entity_poly.pdbx_seq_one_letter_code
;MAKEKKRGFFSWLGFGQKEQTPEKETEVQNEQPVVEEIVQAQEPVKASEQAVEEQPQAHTEAEAETFAADVVEVTEQVAE
SEKAQPEAEVVAQPEPVVEETPEPVAIEREELPLPEDVNAEAVSPEEWQAEAETVEIVEAAEEEAAKEEITDEELETALA
AEAAEEAVMVVPPAEEEQPVEEIAQEQEKPTKEGFFARLKRSLLKTKENLGSGFISLFRGKKIDDDLFEELEEQLLIADV
GVETTRKIITNLTEGASRKQLRDAEALYGLLKEEMGEILAKVDEPLNVEGKAPFVILMVGVNGVGKTTTIGKLARQFEQQ
GKSVMLAAGDTFRAAAVEQLQVWGQRNNIPVIAQHTGADSASVIFDAIQAAKARNIDVLIADTAGRLQNKSHLMEELKKI
VRVMKKLDVEAPHEVMLTIDASTGQNAVSQAKLFHEAVGLTGITLTKLDGTAKGGVIFSVADQFGIPIRYIGVGERIEDL
RPFKADDFIEALFAREDHHHHHH
;
_entity_poly.pdbx_strand_id   A
#
loop_
_chem_comp.id
_chem_comp.type
_chem_comp.name
_chem_comp.formula
EDO non-polymer 1,2-ETHANEDIOL 'C2 H6 O2'
#
# COMPACT_ATOMS: atom_id res chain seq x y z
N GLU A 188 28.82 -0.69 -11.72
CA GLU A 188 28.88 -1.29 -10.39
C GLU A 188 28.06 -2.58 -10.30
N LYS A 189 27.71 -2.96 -9.08
CA LYS A 189 26.86 -4.11 -8.86
C LYS A 189 25.76 -3.76 -7.86
N PRO A 190 24.65 -4.52 -7.87
CA PRO A 190 23.60 -4.24 -6.90
C PRO A 190 24.06 -4.57 -5.49
N THR A 191 23.88 -3.64 -4.57
CA THR A 191 24.31 -3.85 -3.19
C THR A 191 23.31 -3.27 -2.22
N LYS A 192 23.31 -3.80 -1.01
CA LYS A 192 22.46 -3.30 0.06
C LYS A 192 22.67 -1.79 0.24
N GLU A 193 23.94 -1.38 0.26
CA GLU A 193 24.29 0.02 0.45
C GLU A 193 23.71 0.92 -0.64
N GLY A 194 23.86 0.50 -1.90
CA GLY A 194 23.31 1.25 -3.01
C GLY A 194 21.80 1.32 -2.95
N PHE A 195 21.17 0.20 -2.61
CA PHE A 195 19.71 0.20 -2.50
C PHE A 195 19.23 1.11 -1.36
N PHE A 196 19.86 1.01 -0.20
CA PHE A 196 19.46 1.85 0.93
C PHE A 196 19.75 3.33 0.71
N ALA A 197 20.84 3.64 0.02
CA ALA A 197 21.13 5.03 -0.30
C ALA A 197 19.94 5.64 -1.04
N ARG A 198 19.45 4.92 -2.06
CA ARG A 198 18.29 5.39 -2.82
C ARG A 198 17.01 5.42 -2.01
N LEU A 199 16.79 4.38 -1.20
CA LEU A 199 15.57 4.33 -0.42
C LEU A 199 15.53 5.46 0.61
N LYS A 200 16.65 5.67 1.30
CA LYS A 200 16.76 6.79 2.24
C LYS A 200 16.47 8.13 1.56
N ARG A 201 17.05 8.35 0.38
CA ARG A 201 16.83 9.58 -0.36
C ARG A 201 15.37 9.76 -0.74
N SER A 202 14.71 8.66 -1.11
CA SER A 202 13.32 8.75 -1.55
C SER A 202 12.40 9.17 -0.41
N LEU A 203 12.81 8.90 0.83
CA LEU A 203 12.03 9.23 2.01
C LEU A 203 12.49 10.52 2.69
N LEU A 204 13.38 11.25 2.02
CA LEU A 204 13.93 12.49 2.56
C LEU A 204 12.91 13.38 3.25
N LYS A 205 11.80 13.67 2.57
CA LYS A 205 10.83 14.61 3.11
C LYS A 205 10.20 14.09 4.38
N THR A 206 9.90 12.80 4.40
CA THR A 206 9.27 12.15 5.54
C THR A 206 10.26 11.99 6.72
N LYS A 207 11.54 11.80 6.41
CA LYS A 207 12.56 11.63 7.43
C LYS A 207 12.80 12.91 8.21
N GLU A 208 12.27 14.02 7.72
CA GLU A 208 12.40 15.29 8.44
C GLU A 208 11.62 15.24 9.75
N ASN A 209 10.54 14.45 9.78
CA ASN A 209 9.67 14.37 10.96
C ASN A 209 9.63 13.00 11.65
N LEU A 210 9.92 11.94 10.90
CA LEU A 210 9.89 10.59 11.47
C LEU A 210 11.24 9.93 11.36
N GLY A 211 11.51 8.95 12.20
CA GLY A 211 12.74 8.19 12.11
C GLY A 211 13.92 9.06 12.49
N SER A 212 14.83 9.28 11.56
CA SER A 212 15.97 10.14 11.84
C SER A 212 15.53 11.54 12.25
N GLY A 213 14.31 11.90 11.88
CA GLY A 213 13.75 13.19 12.25
C GLY A 213 13.60 13.33 13.75
N PHE A 214 13.55 12.20 14.46
CA PHE A 214 13.37 12.21 15.91
C PHE A 214 14.64 12.65 16.62
N ILE A 215 15.78 12.48 15.96
CA ILE A 215 17.05 12.72 16.62
C ILE A 215 17.16 14.17 17.16
N SER A 216 16.84 15.15 16.32
CA SER A 216 16.92 16.54 16.77
C SER A 216 15.91 16.82 17.88
N LEU A 217 14.75 16.17 17.80
CA LEU A 217 13.72 16.33 18.83
C LEU A 217 14.20 15.89 20.22
N PHE A 218 14.96 14.80 20.28
CA PHE A 218 15.35 14.23 21.57
C PHE A 218 16.64 14.83 22.13
N ARG A 219 17.45 15.40 21.26
CA ARG A 219 18.81 15.81 21.64
C ARG A 219 18.82 16.71 22.87
N GLY A 220 19.56 16.28 23.90
CA GLY A 220 19.80 17.08 25.08
C GLY A 220 18.64 17.19 26.06
N LYS A 221 17.55 16.48 25.78
CA LYS A 221 16.38 16.56 26.63
C LYS A 221 16.30 15.42 27.64
N LYS A 222 15.64 15.67 28.77
CA LYS A 222 15.36 14.60 29.71
C LYS A 222 13.99 14.02 29.35
N ILE A 223 13.72 12.81 29.82
CA ILE A 223 12.42 12.19 29.62
C ILE A 223 11.43 12.69 30.65
N ASP A 224 10.42 13.44 30.20
CA ASP A 224 9.35 13.91 31.06
C ASP A 224 8.07 14.08 30.25
N ASP A 225 6.98 14.46 30.91
CA ASP A 225 5.69 14.59 30.23
C ASP A 225 5.76 15.53 29.03
N ASP A 226 6.49 16.63 29.17
CA ASP A 226 6.63 17.60 28.09
C ASP A 226 7.25 16.94 26.87
N LEU A 227 8.24 16.09 27.10
CA LEU A 227 8.92 15.41 26.01
C LEU A 227 7.95 14.53 25.21
N PHE A 228 7.23 13.65 25.92
CA PHE A 228 6.29 12.78 25.24
C PHE A 228 5.20 13.58 24.52
N GLU A 229 4.83 14.73 25.08
CA GLU A 229 3.87 15.60 24.40
C GLU A 229 4.44 16.19 23.10
N GLU A 230 5.70 16.60 23.12
CA GLU A 230 6.36 17.09 21.91
C GLU A 230 6.44 15.96 20.87
N LEU A 231 6.75 14.76 21.32
CA LEU A 231 6.84 13.62 20.41
C LEU A 231 5.48 13.33 19.78
N GLU A 232 4.44 13.32 20.61
CA GLU A 232 3.10 13.10 20.12
C GLU A 232 2.75 14.12 19.04
N GLU A 233 3.02 15.40 19.31
CA GLU A 233 2.75 16.44 18.33
C GLU A 233 3.47 16.15 17.00
N GLN A 234 4.74 15.75 17.09
CA GLN A 234 5.50 15.46 15.87
C GLN A 234 4.90 14.29 15.09
N LEU A 235 4.49 13.25 15.83
CA LEU A 235 3.86 12.08 15.21
C LEU A 235 2.57 12.45 14.49
N LEU A 236 1.74 13.28 15.14
CA LEU A 236 0.46 13.69 14.57
C LEU A 236 0.67 14.54 13.31
N ILE A 237 1.61 15.48 13.39
CA ILE A 237 1.91 16.34 12.24
C ILE A 237 2.36 15.53 11.03
N ALA A 238 2.96 14.37 11.29
CA ALA A 238 3.43 13.49 10.20
C ALA A 238 2.33 12.54 9.74
N ASP A 239 1.13 12.73 10.26
CA ASP A 239 -0.04 11.94 9.85
C ASP A 239 -0.01 10.48 10.31
N VAL A 240 0.61 10.23 11.46
CA VAL A 240 0.59 8.89 12.04
C VAL A 240 -0.79 8.52 12.57
N GLY A 241 -1.60 9.52 12.85
CA GLY A 241 -2.98 9.29 13.27
C GLY A 241 -3.09 9.22 14.78
N VAL A 242 -4.19 9.72 15.32
CA VAL A 242 -4.33 9.85 16.78
C VAL A 242 -4.24 8.51 17.50
N GLU A 243 -4.98 7.50 17.04
CA GLU A 243 -5.00 6.23 17.74
C GLU A 243 -3.64 5.54 17.69
N THR A 244 -3.00 5.56 16.52
CA THR A 244 -1.71 4.88 16.36
C THR A 244 -0.62 5.63 17.12
N THR A 245 -0.69 6.96 17.11
CA THR A 245 0.23 7.78 17.89
C THR A 245 0.09 7.46 19.38
N ARG A 246 -1.15 7.41 19.86
CA ARG A 246 -1.40 7.07 21.25
CA ARG A 246 -1.45 7.04 21.24
C ARG A 246 -0.81 5.70 21.61
N LYS A 247 -0.92 4.72 20.72
CA LYS A 247 -0.37 3.39 20.99
C LYS A 247 1.16 3.42 21.05
N ILE A 248 1.77 4.10 20.10
CA ILE A 248 3.23 4.23 20.10
C ILE A 248 3.70 4.91 21.38
N ILE A 249 3.05 6.01 21.77
CA ILE A 249 3.51 6.72 22.96
C ILE A 249 3.33 5.86 24.22
N THR A 250 2.17 5.20 24.34
CA THR A 250 1.95 4.32 25.47
C THR A 250 3.02 3.22 25.56
N ASN A 251 3.27 2.55 24.45
CA ASN A 251 4.25 1.46 24.43
C ASN A 251 5.66 1.97 24.69
N LEU A 252 5.97 3.13 24.14
CA LEU A 252 7.28 3.74 24.33
C LEU A 252 7.50 4.08 25.80
N THR A 253 6.45 4.65 26.42
CA THR A 253 6.49 5.01 27.83
C THR A 253 6.73 3.79 28.70
N GLU A 254 6.00 2.72 28.42
CA GLU A 254 6.18 1.48 29.16
CA GLU A 254 6.17 1.47 29.15
C GLU A 254 7.61 0.95 29.01
N GLY A 255 8.13 0.96 27.79
CA GLY A 255 9.46 0.45 27.54
C GLY A 255 10.51 1.24 28.27
N ALA A 256 10.36 2.57 28.25
CA ALA A 256 11.29 3.46 28.94
C ALA A 256 11.24 3.22 30.44
N SER A 257 10.05 2.92 30.95
CA SER A 257 9.87 2.69 32.37
CA SER A 257 9.85 2.67 32.37
C SER A 257 10.53 1.39 32.81
N ARG A 258 10.48 0.37 31.95
CA ARG A 258 11.09 -0.92 32.26
C ARG A 258 12.59 -0.77 32.44
N LYS A 259 13.17 0.18 31.71
CA LYS A 259 14.60 0.44 31.79
C LYS A 259 14.97 1.63 32.67
N GLN A 260 13.94 2.30 33.20
CA GLN A 260 14.10 3.60 33.85
C GLN A 260 15.09 4.48 33.08
N LEU A 261 14.86 4.63 31.78
CA LEU A 261 15.63 5.59 31.01
C LEU A 261 15.39 6.99 31.56
N ARG A 262 16.39 7.85 31.44
CA ARG A 262 16.26 9.23 31.89
C ARG A 262 16.53 10.21 30.76
N ASP A 263 17.36 9.77 29.81
CA ASP A 263 17.79 10.62 28.71
CA ASP A 263 17.78 10.63 28.72
C ASP A 263 16.95 10.36 27.46
N ALA A 264 16.33 11.42 26.93
CA ALA A 264 15.48 11.31 25.76
C ALA A 264 16.18 10.67 24.56
N GLU A 265 17.48 10.88 24.43
CA GLU A 265 18.17 10.38 23.23
C GLU A 265 18.03 8.86 23.08
N ALA A 266 17.94 8.18 24.22
CA ALA A 266 17.86 6.71 24.24
C ALA A 266 16.51 6.20 23.77
N LEU A 267 15.53 7.10 23.64
CA LEU A 267 14.20 6.71 23.20
C LEU A 267 14.19 6.32 21.73
N TYR A 268 15.16 6.82 20.96
N TYR A 268 15.18 6.81 20.99
CA TYR A 268 15.23 6.57 19.52
CA TYR A 268 15.25 6.58 19.56
C TYR A 268 15.18 5.08 19.19
C TYR A 268 15.17 5.08 19.24
N GLY A 269 16.03 4.30 19.87
CA GLY A 269 16.07 2.87 19.65
C GLY A 269 14.76 2.19 19.96
N LEU A 270 14.11 2.60 21.06
CA LEU A 270 12.83 2.00 21.46
C LEU A 270 11.72 2.35 20.47
N LEU A 271 11.74 3.59 20.00
CA LEU A 271 10.80 4.02 18.98
C LEU A 271 10.96 3.25 17.68
N LYS A 272 12.21 3.05 17.26
CA LYS A 272 12.49 2.28 16.07
C LYS A 272 11.87 0.89 16.22
N GLU A 273 12.02 0.30 17.40
CA GLU A 273 11.49 -1.03 17.65
C GLU A 273 9.96 -1.05 17.64
N GLU A 274 9.35 -0.09 18.32
CA GLU A 274 7.89 0.02 18.39
C GLU A 274 7.24 0.29 17.05
N MET A 275 7.79 1.24 16.30
CA MET A 275 7.24 1.51 14.98
C MET A 275 7.52 0.35 14.02
N GLY A 276 8.66 -0.31 14.20
CA GLY A 276 8.97 -1.52 13.46
C GLY A 276 7.97 -2.63 13.73
N GLU A 277 7.52 -2.74 14.97
CA GLU A 277 6.56 -3.78 15.35
C GLU A 277 5.22 -3.59 14.61
N ILE A 278 4.78 -2.34 14.54
CA ILE A 278 3.57 -2.00 13.81
C ILE A 278 3.65 -2.47 12.37
N LEU A 279 4.75 -2.16 11.69
CA LEU A 279 4.91 -2.54 10.30
C LEU A 279 5.16 -4.04 10.10
N ALA A 280 5.85 -4.69 11.03
CA ALA A 280 6.12 -6.12 10.85
C ALA A 280 4.84 -6.95 10.73
N LYS A 281 3.76 -6.51 11.39
CA LYS A 281 2.49 -7.23 11.35
C LYS A 281 1.82 -7.25 9.99
N VAL A 282 2.25 -6.37 9.09
CA VAL A 282 1.64 -6.31 7.76
C VAL A 282 2.68 -6.50 6.67
N ASP A 283 3.80 -7.12 7.04
CA ASP A 283 4.84 -7.49 6.10
C ASP A 283 4.51 -8.89 5.62
N GLU A 284 4.10 -9.01 4.37
CA GLU A 284 3.88 -10.30 3.75
C GLU A 284 3.80 -10.03 2.27
N PRO A 285 4.93 -10.20 1.57
CA PRO A 285 4.90 -9.87 0.14
C PRO A 285 3.92 -10.76 -0.63
N LEU A 286 3.36 -10.15 -1.66
CA LEU A 286 2.43 -10.83 -2.54
C LEU A 286 3.17 -11.91 -3.31
N ASN A 287 2.58 -13.10 -3.38
CA ASN A 287 3.11 -14.19 -4.18
C ASN A 287 2.05 -14.62 -5.18
N VAL A 288 2.28 -14.37 -6.47
CA VAL A 288 1.25 -14.60 -7.47
C VAL A 288 1.49 -15.88 -8.29
N GLU A 289 2.37 -16.74 -7.79
CA GLU A 289 2.78 -17.90 -8.57
C GLU A 289 1.78 -19.04 -8.48
N GLY A 290 1.84 -19.96 -9.43
CA GLY A 290 1.20 -21.25 -9.31
C GLY A 290 -0.29 -21.33 -9.59
N LYS A 291 -0.84 -20.28 -10.21
CA LYS A 291 -2.27 -20.26 -10.54
C LYS A 291 -2.50 -20.03 -12.02
N ALA A 292 -3.73 -20.27 -12.47
CA ALA A 292 -4.01 -20.29 -13.90
C ALA A 292 -5.37 -19.71 -14.27
N PRO A 293 -5.52 -18.38 -14.16
CA PRO A 293 -4.50 -17.42 -13.69
C PRO A 293 -4.66 -17.07 -12.21
N PHE A 294 -3.61 -16.46 -11.65
CA PHE A 294 -3.71 -15.79 -10.37
C PHE A 294 -4.46 -14.50 -10.65
N VAL A 295 -5.55 -14.26 -9.95
CA VAL A 295 -6.39 -13.10 -10.24
C VAL A 295 -6.24 -12.04 -9.15
N ILE A 296 -5.80 -10.85 -9.56
CA ILE A 296 -5.80 -9.70 -8.69
C ILE A 296 -6.94 -8.77 -9.03
N LEU A 297 -7.81 -8.52 -8.06
CA LEU A 297 -8.88 -7.56 -8.23
C LEU A 297 -8.38 -6.24 -7.65
N MET A 298 -8.18 -5.25 -8.50
CA MET A 298 -7.66 -3.95 -8.09
C MET A 298 -8.80 -3.01 -7.72
N VAL A 299 -8.82 -2.55 -6.48
CA VAL A 299 -9.86 -1.62 -6.04
C VAL A 299 -9.21 -0.35 -5.54
N GLY A 300 -9.99 0.72 -5.53
CA GLY A 300 -9.47 2.01 -5.11
C GLY A 300 -10.16 3.15 -5.84
N VAL A 301 -10.01 4.37 -5.33
CA VAL A 301 -10.56 5.50 -6.04
C VAL A 301 -9.66 5.78 -7.24
N ASN A 302 -10.17 6.42 -8.29
CA ASN A 302 -9.32 6.85 -9.40
CA ASN A 302 -9.23 6.79 -9.32
C ASN A 302 -8.56 8.12 -9.02
N GLY A 303 -7.26 8.17 -9.30
CA GLY A 303 -6.47 9.35 -9.00
C GLY A 303 -5.46 9.15 -7.88
N VAL A 304 -5.44 7.95 -7.30
CA VAL A 304 -4.50 7.66 -6.23
C VAL A 304 -3.41 6.69 -6.67
N GLY A 305 -3.32 6.45 -7.98
CA GLY A 305 -2.24 5.66 -8.55
C GLY A 305 -2.61 4.23 -8.89
N LYS A 306 -3.90 3.94 -8.97
CA LYS A 306 -4.34 2.57 -9.23
C LYS A 306 -3.96 2.14 -10.65
N THR A 307 -4.18 3.03 -11.60
CA THR A 307 -3.95 2.70 -13.01
C THR A 307 -2.46 2.52 -13.28
N THR A 308 -1.65 3.38 -12.69
CA THR A 308 -0.20 3.25 -12.77
C THR A 308 0.30 1.98 -12.09
N THR A 309 -0.29 1.65 -10.94
CA THR A 309 0.11 0.45 -10.22
C THR A 309 -0.19 -0.80 -11.05
N ILE A 310 -1.30 -0.80 -11.77
CA ILE A 310 -1.61 -1.91 -12.67
C ILE A 310 -0.49 -2.12 -13.71
N GLY A 311 -0.06 -1.03 -14.34
CA GLY A 311 1.00 -1.11 -15.34
C GLY A 311 2.31 -1.59 -14.74
N LYS A 312 2.70 -1.00 -13.61
CA LYS A 312 3.94 -1.38 -12.96
C LYS A 312 3.93 -2.85 -12.54
N LEU A 313 2.83 -3.30 -11.94
CA LEU A 313 2.75 -4.70 -11.52
C LEU A 313 2.81 -5.63 -12.73
N ALA A 314 2.04 -5.33 -13.79
CA ALA A 314 2.07 -6.14 -14.98
C ALA A 314 3.50 -6.26 -15.50
N ARG A 315 4.22 -5.14 -15.58
CA ARG A 315 5.60 -5.23 -16.06
C ARG A 315 6.49 -6.02 -15.10
N GLN A 316 6.31 -5.84 -13.81
CA GLN A 316 7.12 -6.60 -12.85
C GLN A 316 6.92 -8.10 -13.03
N PHE A 317 5.68 -8.51 -13.19
CA PHE A 317 5.40 -9.93 -13.34
C PHE A 317 6.02 -10.47 -14.62
N GLU A 318 5.94 -9.69 -15.70
CA GLU A 318 6.55 -10.11 -16.97
C GLU A 318 8.06 -10.25 -16.83
N GLN A 319 8.67 -9.31 -16.10
CA GLN A 319 10.11 -9.33 -15.88
C GLN A 319 10.53 -10.54 -15.09
N GLN A 320 9.58 -11.16 -14.38
CA GLN A 320 9.84 -12.38 -13.62
C GLN A 320 9.60 -13.63 -14.46
N GLY A 321 9.13 -13.44 -15.69
CA GLY A 321 8.80 -14.58 -16.54
C GLY A 321 7.36 -15.05 -16.52
N LYS A 322 6.45 -14.24 -15.98
CA LYS A 322 5.03 -14.60 -15.96
C LYS A 322 4.27 -13.86 -17.05
N SER A 323 3.31 -14.52 -17.67
CA SER A 323 2.45 -13.85 -18.64
C SER A 323 1.30 -13.15 -17.92
N VAL A 324 0.90 -12.00 -18.46
CA VAL A 324 -0.08 -11.13 -17.82
C VAL A 324 -1.19 -10.80 -18.81
N MET A 325 -2.39 -10.60 -18.27
CA MET A 325 -3.55 -10.10 -19.02
C MET A 325 -4.24 -9.10 -18.11
N LEU A 326 -4.89 -8.10 -18.69
CA LEU A 326 -5.66 -7.14 -17.87
C LEU A 326 -7.13 -7.28 -18.20
N ALA A 327 -7.97 -6.94 -17.23
CA ALA A 327 -9.40 -6.81 -17.49
C ALA A 327 -9.83 -5.38 -17.19
N ALA A 328 -10.39 -4.72 -18.20
CA ALA A 328 -10.80 -3.32 -18.04
C ALA A 328 -12.20 -3.23 -17.42
N GLY A 329 -12.27 -3.47 -16.11
CA GLY A 329 -13.56 -3.59 -15.46
C GLY A 329 -14.22 -2.28 -15.04
N ASP A 330 -13.57 -1.15 -15.28
CA ASP A 330 -14.20 0.15 -14.98
C ASP A 330 -15.03 0.54 -16.20
N THR A 331 -16.12 -0.18 -16.42
CA THR A 331 -16.78 -0.26 -17.71
C THR A 331 -17.55 1.00 -18.13
N PHE A 332 -17.91 1.83 -17.16
CA PHE A 332 -18.68 3.03 -17.48
C PHE A 332 -17.79 4.26 -17.72
N ARG A 333 -16.48 4.09 -17.55
CA ARG A 333 -15.56 5.18 -17.82
C ARG A 333 -14.68 4.88 -19.03
N ALA A 334 -15.11 5.37 -20.19
CA ALA A 334 -14.42 5.16 -21.45
C ALA A 334 -12.94 5.50 -21.36
N ALA A 335 -12.63 6.55 -20.61
CA ALA A 335 -11.25 7.01 -20.47
C ALA A 335 -10.38 5.95 -19.83
N ALA A 336 -10.88 5.35 -18.75
CA ALA A 336 -10.14 4.31 -18.03
C ALA A 336 -10.00 3.03 -18.87
N VAL A 337 -11.03 2.68 -19.62
CA VAL A 337 -10.97 1.50 -20.48
C VAL A 337 -9.98 1.70 -21.64
N GLU A 338 -10.08 2.84 -22.31
CA GLU A 338 -9.17 3.13 -23.41
C GLU A 338 -7.71 3.22 -22.93
N GLN A 339 -7.51 3.73 -21.71
CA GLN A 339 -6.18 3.83 -21.12
C GLN A 339 -5.51 2.46 -21.04
N LEU A 340 -6.22 1.46 -20.52
CA LEU A 340 -5.68 0.11 -20.42
C LEU A 340 -5.55 -0.55 -21.79
N GLN A 341 -6.53 -0.32 -22.66
CA GLN A 341 -6.51 -0.95 -23.98
C GLN A 341 -5.30 -0.49 -24.82
N VAL A 342 -5.09 0.81 -24.87
CA VAL A 342 -3.97 1.37 -25.63
C VAL A 342 -2.66 0.91 -25.00
N TRP A 343 -2.56 1.02 -23.68
CA TRP A 343 -1.35 0.55 -23.00
C TRP A 343 -1.08 -0.93 -23.29
N GLY A 344 -2.09 -1.78 -23.17
CA GLY A 344 -1.90 -3.20 -23.45
C GLY A 344 -1.40 -3.40 -24.86
N GLN A 345 -2.00 -2.70 -25.81
CA GLN A 345 -1.63 -2.83 -27.22
C GLN A 345 -0.15 -2.47 -27.42
N ARG A 346 0.27 -1.34 -26.85
CA ARG A 346 1.64 -0.85 -26.98
C ARG A 346 2.65 -1.75 -26.28
N ASN A 347 2.21 -2.43 -25.23
CA ASN A 347 3.10 -3.24 -24.39
C ASN A 347 2.92 -4.74 -24.63
N ASN A 348 2.15 -5.08 -25.66
CA ASN A 348 1.90 -6.48 -26.03
C ASN A 348 1.32 -7.30 -24.89
N ILE A 349 0.36 -6.72 -24.20
CA ILE A 349 -0.31 -7.41 -23.12
C ILE A 349 -1.78 -7.40 -23.44
N PRO A 350 -2.40 -8.58 -23.46
CA PRO A 350 -3.82 -8.64 -23.83
C PRO A 350 -4.70 -7.94 -22.79
N VAL A 351 -5.70 -7.24 -23.29
CA VAL A 351 -6.62 -6.52 -22.44
C VAL A 351 -8.05 -6.86 -22.85
N ILE A 352 -8.80 -7.40 -21.91
CA ILE A 352 -10.18 -7.74 -22.16
C ILE A 352 -11.05 -6.55 -21.79
N ALA A 353 -11.87 -6.10 -22.74
CA ALA A 353 -12.68 -4.91 -22.55
C ALA A 353 -13.95 -5.03 -23.38
N GLN A 354 -15.00 -4.36 -22.95
CA GLN A 354 -16.24 -4.31 -23.72
C GLN A 354 -16.68 -2.85 -23.89
N HIS A 355 -17.76 -2.63 -24.65
CA HIS A 355 -18.27 -1.29 -24.90
C HIS A 355 -18.53 -0.55 -23.59
N THR A 356 -18.52 0.78 -23.66
CA THR A 356 -18.81 1.62 -22.50
C THR A 356 -20.21 1.30 -21.98
N GLY A 357 -20.33 1.00 -20.69
CA GLY A 357 -21.61 0.67 -20.12
C GLY A 357 -21.86 -0.83 -20.01
N ALA A 358 -20.89 -1.64 -20.43
CA ALA A 358 -21.00 -3.08 -20.29
C ALA A 358 -21.02 -3.44 -18.81
N ASP A 359 -21.46 -4.65 -18.49
CA ASP A 359 -21.47 -5.07 -17.10
C ASP A 359 -20.07 -5.50 -16.70
N SER A 360 -19.58 -4.91 -15.62
CA SER A 360 -18.23 -5.16 -15.12
CA SER A 360 -18.23 -5.16 -15.13
C SER A 360 -18.01 -6.64 -14.80
N ALA A 361 -19.02 -7.26 -14.20
CA ALA A 361 -18.90 -8.68 -13.86
C ALA A 361 -18.70 -9.53 -15.12
N SER A 362 -19.37 -9.16 -16.21
CA SER A 362 -19.26 -9.90 -17.47
C SER A 362 -17.90 -9.72 -18.14
N VAL A 363 -17.38 -8.50 -18.13
CA VAL A 363 -16.05 -8.26 -18.63
C VAL A 363 -15.05 -9.13 -17.87
N ILE A 364 -15.21 -9.18 -16.57
CA ILE A 364 -14.23 -9.91 -15.75
C ILE A 364 -14.38 -11.42 -15.88
N PHE A 365 -15.63 -11.89 -15.99
CA PHE A 365 -15.90 -13.29 -16.29
C PHE A 365 -15.22 -13.69 -17.60
N ASP A 366 -15.44 -12.89 -18.64
CA ASP A 366 -14.85 -13.16 -19.95
C ASP A 366 -13.32 -13.13 -19.87
N ALA A 367 -12.80 -12.25 -19.02
CA ALA A 367 -11.35 -12.13 -18.87
C ALA A 367 -10.73 -13.39 -18.23
N ILE A 368 -11.39 -13.92 -17.21
CA ILE A 368 -10.89 -15.14 -16.55
C ILE A 368 -10.92 -16.28 -17.56
N GLN A 369 -11.98 -16.36 -18.33
CA GLN A 369 -12.10 -17.39 -19.36
C GLN A 369 -10.99 -17.26 -20.40
N ALA A 370 -10.73 -16.02 -20.83
CA ALA A 370 -9.70 -15.78 -21.84
C ALA A 370 -8.34 -16.10 -21.26
N ALA A 371 -8.14 -15.72 -20.01
CA ALA A 371 -6.87 -15.98 -19.35
C ALA A 371 -6.58 -17.47 -19.24
N LYS A 372 -7.60 -18.25 -18.88
CA LYS A 372 -7.46 -19.70 -18.79
C LYS A 372 -7.16 -20.29 -20.17
N ALA A 373 -7.88 -19.85 -21.18
CA ALA A 373 -7.71 -20.34 -22.55
C ALA A 373 -6.32 -20.01 -23.11
N ARG A 374 -5.68 -18.98 -22.59
CA ARG A 374 -4.39 -18.53 -23.12
C ARG A 374 -3.23 -18.83 -22.17
N ASN A 375 -3.48 -19.66 -21.16
CA ASN A 375 -2.42 -20.04 -20.23
C ASN A 375 -1.73 -18.84 -19.60
N ILE A 376 -2.51 -17.82 -19.28
CA ILE A 376 -2.01 -16.61 -18.63
C ILE A 376 -1.71 -16.90 -17.15
N ASP A 377 -0.56 -16.42 -16.66
CA ASP A 377 -0.20 -16.62 -15.26
C ASP A 377 -0.90 -15.65 -14.30
N VAL A 378 -1.03 -14.39 -14.69
CA VAL A 378 -1.64 -13.37 -13.82
C VAL A 378 -2.64 -12.52 -14.56
N LEU A 379 -3.85 -12.44 -14.02
CA LEU A 379 -4.86 -11.55 -14.55
C LEU A 379 -5.07 -10.42 -13.57
N ILE A 380 -4.91 -9.18 -14.03
CA ILE A 380 -5.14 -7.99 -13.20
C ILE A 380 -6.41 -7.29 -13.65
N ALA A 381 -7.40 -7.24 -12.76
CA ALA A 381 -8.70 -6.70 -13.12
C ALA A 381 -8.95 -5.36 -12.45
N ASP A 382 -9.12 -4.33 -13.25
CA ASP A 382 -9.49 -3.00 -12.80
C ASP A 382 -10.98 -2.98 -12.45
N THR A 383 -11.35 -2.09 -11.54
CA THR A 383 -12.74 -1.92 -11.14
C THR A 383 -13.08 -0.44 -11.08
N ALA A 384 -14.38 -0.15 -10.98
CA ALA A 384 -14.86 1.21 -10.91
C ALA A 384 -14.32 1.97 -9.69
N GLY A 385 -13.69 3.11 -9.92
CA GLY A 385 -13.11 3.89 -8.85
C GLY A 385 -13.77 5.24 -8.70
N ARG A 386 -14.73 5.51 -9.59
CA ARG A 386 -15.50 6.74 -9.52
C ARG A 386 -16.61 6.46 -8.52
N LEU A 387 -16.23 6.52 -7.24
CA LEU A 387 -17.11 6.10 -6.15
C LEU A 387 -18.59 6.34 -6.38
N GLN A 388 -19.34 5.25 -6.37
CA GLN A 388 -20.78 5.30 -6.29
C GLN A 388 -21.09 5.63 -4.84
N ASN A 389 -22.33 5.49 -4.41
CA ASN A 389 -22.59 5.51 -2.99
C ASN A 389 -22.11 4.17 -2.42
N LYS A 390 -22.08 4.04 -1.10
CA LYS A 390 -21.50 2.85 -0.48
C LYS A 390 -22.24 1.57 -0.85
N SER A 391 -23.57 1.62 -0.82
CA SER A 391 -24.38 0.46 -1.16
C SER A 391 -24.09 -0.01 -2.59
N HIS A 392 -23.96 0.95 -3.51
CA HIS A 392 -23.71 0.61 -4.90
C HIS A 392 -22.29 0.10 -5.07
N LEU A 393 -21.36 0.64 -4.29
CA LEU A 393 -19.98 0.17 -4.35
C LEU A 393 -19.89 -1.26 -3.86
N MET A 394 -20.51 -1.53 -2.71
CA MET A 394 -20.56 -2.89 -2.19
C MET A 394 -21.20 -3.84 -3.19
N GLU A 395 -22.34 -3.44 -3.76
CA GLU A 395 -23.08 -4.29 -4.67
C GLU A 395 -22.23 -4.64 -5.88
N GLU A 396 -21.55 -3.65 -6.43
CA GLU A 396 -20.73 -3.82 -7.62
C GLU A 396 -19.59 -4.79 -7.33
N LEU A 397 -18.89 -4.58 -6.23
CA LEU A 397 -17.71 -5.38 -5.95
C LEU A 397 -18.08 -6.80 -5.55
N LYS A 398 -19.15 -6.95 -4.78
CA LYS A 398 -19.58 -8.28 -4.38
C LYS A 398 -20.08 -9.05 -5.60
N LYS A 399 -20.74 -8.35 -6.51
CA LYS A 399 -21.15 -8.95 -7.77
C LYS A 399 -19.95 -9.51 -8.55
N ILE A 400 -18.92 -8.69 -8.69
CA ILE A 400 -17.71 -9.13 -9.35
C ILE A 400 -17.09 -10.37 -8.70
N VAL A 401 -16.93 -10.35 -7.38
CA VAL A 401 -16.33 -11.50 -6.71
C VAL A 401 -17.17 -12.76 -6.92
N ARG A 402 -18.49 -12.64 -6.81
CA ARG A 402 -19.39 -13.78 -6.99
C ARG A 402 -19.24 -14.34 -8.41
N VAL A 403 -19.15 -13.45 -9.38
CA VAL A 403 -19.01 -13.90 -10.75
C VAL A 403 -17.67 -14.58 -10.99
N MET A 404 -16.60 -14.09 -10.35
CA MET A 404 -15.31 -14.74 -10.47
C MET A 404 -15.41 -16.16 -9.94
N LYS A 405 -16.12 -16.31 -8.83
CA LYS A 405 -16.23 -17.64 -8.22
C LYS A 405 -17.15 -18.61 -8.97
N LYS A 406 -17.85 -18.12 -10.00
CA LYS A 406 -18.57 -19.02 -10.91
C LYS A 406 -17.58 -19.84 -11.73
N LEU A 407 -16.33 -19.38 -11.78
CA LEU A 407 -15.30 -20.03 -12.57
C LEU A 407 -14.23 -20.67 -11.70
N ASP A 408 -13.76 -19.93 -10.70
CA ASP A 408 -12.68 -20.40 -9.84
C ASP A 408 -12.99 -19.99 -8.41
N VAL A 409 -13.16 -20.99 -7.55
CA VAL A 409 -13.52 -20.71 -6.16
C VAL A 409 -12.45 -19.90 -5.44
N GLU A 410 -11.23 -19.87 -5.98
CA GLU A 410 -10.14 -19.09 -5.39
C GLU A 410 -10.04 -17.67 -5.91
N ALA A 411 -10.75 -17.34 -6.98
CA ALA A 411 -10.68 -15.99 -7.55
C ALA A 411 -11.67 -15.08 -6.85
N PRO A 412 -11.25 -13.85 -6.51
CA PRO A 412 -9.92 -13.26 -6.72
C PRO A 412 -8.92 -13.77 -5.68
N HIS A 413 -7.71 -14.07 -6.11
CA HIS A 413 -6.72 -14.57 -5.18
C HIS A 413 -6.23 -13.45 -4.28
N GLU A 414 -6.30 -12.23 -4.80
CA GLU A 414 -5.88 -11.05 -4.06
C GLU A 414 -6.86 -9.94 -4.35
N VAL A 415 -7.33 -9.27 -3.31
CA VAL A 415 -8.11 -8.05 -3.47
C VAL A 415 -7.22 -6.92 -3.00
N MET A 416 -6.69 -6.17 -3.96
CA MET A 416 -5.65 -5.17 -3.70
CA MET A 416 -5.67 -5.17 -3.65
C MET A 416 -6.21 -3.76 -3.73
N LEU A 417 -6.07 -3.03 -2.64
CA LEU A 417 -6.43 -1.62 -2.60
C LEU A 417 -5.21 -0.81 -2.98
N THR A 418 -5.39 0.25 -3.76
CA THR A 418 -4.31 1.23 -3.95
C THR A 418 -4.74 2.54 -3.30
N ILE A 419 -3.86 3.05 -2.43
CA ILE A 419 -4.07 4.35 -1.80
C ILE A 419 -2.80 5.17 -1.91
N ASP A 420 -2.94 6.48 -1.73
CA ASP A 420 -1.88 7.45 -1.97
C ASP A 420 -1.44 8.03 -0.63
N ALA A 421 -0.18 7.77 -0.25
CA ALA A 421 0.35 8.17 1.06
C ALA A 421 0.34 9.66 1.28
N SER A 422 0.37 10.43 0.19
CA SER A 422 0.40 11.88 0.34
C SER A 422 -0.99 12.45 0.61
N THR A 423 -2.00 11.57 0.70
CA THR A 423 -3.37 12.03 0.93
C THR A 423 -3.79 11.97 2.39
N GLY A 424 -2.85 11.62 3.26
CA GLY A 424 -3.11 11.69 4.69
C GLY A 424 -4.26 10.80 5.11
N GLN A 425 -5.14 11.32 5.96
CA GLN A 425 -6.19 10.44 6.47
CA GLN A 425 -6.31 10.59 6.49
C GLN A 425 -7.23 10.08 5.39
N ASN A 426 -7.17 10.72 4.23
CA ASN A 426 -7.99 10.27 3.11
C ASN A 426 -7.67 8.81 2.79
N ALA A 427 -6.38 8.45 2.82
CA ALA A 427 -5.99 7.07 2.50
C ALA A 427 -6.49 6.07 3.55
N VAL A 428 -6.47 6.47 4.82
CA VAL A 428 -6.99 5.62 5.88
C VAL A 428 -8.50 5.41 5.72
N SER A 429 -9.23 6.49 5.48
CA SER A 429 -10.68 6.40 5.29
C SER A 429 -11.05 5.59 4.04
N GLN A 430 -10.27 5.74 2.98
CA GLN A 430 -10.48 4.95 1.77
C GLN A 430 -10.27 3.47 2.05
N ALA A 431 -9.23 3.13 2.80
CA ALA A 431 -9.01 1.73 3.17
C ALA A 431 -10.21 1.18 3.91
N LYS A 432 -10.71 1.94 4.89
CA LYS A 432 -11.89 1.53 5.64
C LYS A 432 -13.11 1.29 4.73
N LEU A 433 -13.36 2.24 3.85
CA LEU A 433 -14.50 2.15 2.92
C LEU A 433 -14.44 0.88 2.08
N PHE A 434 -13.30 0.63 1.44
CA PHE A 434 -13.19 -0.54 0.56
C PHE A 434 -13.12 -1.86 1.32
N HIS A 435 -12.45 -1.86 2.47
CA HIS A 435 -12.39 -3.07 3.29
C HIS A 435 -13.79 -3.45 3.75
N GLU A 436 -14.63 -2.45 4.02
CA GLU A 436 -16.00 -2.76 4.44
C GLU A 436 -16.89 -3.14 3.26
N ALA A 437 -16.56 -2.63 2.08
CA ALA A 437 -17.36 -2.89 0.90
C ALA A 437 -17.11 -4.30 0.36
N VAL A 438 -15.86 -4.76 0.40
CA VAL A 438 -15.55 -6.03 -0.26
C VAL A 438 -14.65 -6.95 0.54
N GLY A 439 -13.80 -6.40 1.40
CA GLY A 439 -12.85 -7.22 2.12
C GLY A 439 -11.53 -7.28 1.37
N LEU A 440 -10.54 -6.56 1.88
CA LEU A 440 -9.24 -6.46 1.23
C LEU A 440 -8.31 -7.59 1.68
N THR A 441 -7.36 -7.97 0.84
CA THR A 441 -6.32 -8.91 1.26
C THR A 441 -4.93 -8.31 1.15
N GLY A 442 -4.82 -7.18 0.46
CA GLY A 442 -3.52 -6.54 0.30
C GLY A 442 -3.69 -5.07 0.02
N ILE A 443 -2.67 -4.29 0.37
CA ILE A 443 -2.65 -2.87 0.12
C ILE A 443 -1.38 -2.42 -0.60
N THR A 444 -1.55 -1.57 -1.61
CA THR A 444 -0.43 -0.88 -2.21
C THR A 444 -0.52 0.60 -1.84
N LEU A 445 0.57 1.15 -1.30
CA LEU A 445 0.60 2.54 -0.88
C LEU A 445 1.55 3.31 -1.76
N THR A 446 1.02 4.23 -2.55
CA THR A 446 1.82 4.97 -3.51
C THR A 446 2.33 6.31 -2.98
N LYS A 447 3.30 6.86 -3.70
CA LYS A 447 3.76 8.23 -3.48
C LYS A 447 4.32 8.51 -2.08
N LEU A 448 5.00 7.53 -1.49
CA LEU A 448 5.67 7.78 -0.21
C LEU A 448 6.77 8.82 -0.35
N ASP A 449 7.29 8.94 -1.56
CA ASP A 449 8.41 9.86 -1.80
C ASP A 449 7.91 11.28 -1.98
N GLY A 450 6.60 11.43 -2.14
CA GLY A 450 6.03 12.74 -2.42
C GLY A 450 5.50 13.54 -1.24
N THR A 451 5.74 13.09 -0.01
CA THR A 451 5.16 13.78 1.14
C THR A 451 6.11 13.88 2.33
N ALA A 452 5.96 14.92 3.13
CA ALA A 452 6.82 15.14 4.29
C ALA A 452 6.15 14.61 5.55
N LYS A 453 4.95 14.10 5.36
CA LYS A 453 4.16 13.52 6.44
C LYS A 453 3.94 12.06 6.08
N GLY A 454 4.86 11.20 6.51
CA GLY A 454 4.87 9.82 6.09
C GLY A 454 4.28 8.87 7.10
N GLY A 455 3.41 9.37 7.95
CA GLY A 455 2.83 8.55 9.00
C GLY A 455 1.72 7.65 8.51
N VAL A 456 1.23 7.89 7.29
CA VAL A 456 0.07 7.13 6.78
C VAL A 456 0.34 5.63 6.85
N ILE A 457 1.56 5.22 6.53
CA ILE A 457 1.84 3.79 6.47
C ILE A 457 1.65 3.15 7.84
N PHE A 458 1.98 3.88 8.89
CA PHE A 458 1.78 3.33 10.24
C PHE A 458 0.30 3.26 10.62
N SER A 459 -0.44 4.29 10.24
CA SER A 459 -1.86 4.34 10.55
C SER A 459 -2.60 3.21 9.84
N VAL A 460 -2.30 3.03 8.56
CA VAL A 460 -2.92 1.95 7.79
C VAL A 460 -2.56 0.57 8.35
N ALA A 461 -1.29 0.36 8.66
CA ALA A 461 -0.82 -0.90 9.23
C ALA A 461 -1.55 -1.20 10.52
N ASP A 462 -1.57 -0.21 11.40
CA ASP A 462 -2.12 -0.37 12.73
C ASP A 462 -3.65 -0.50 12.72
N GLN A 463 -4.32 0.30 11.90
CA GLN A 463 -5.77 0.32 11.92
C GLN A 463 -6.40 -0.95 11.37
N PHE A 464 -5.78 -1.57 10.36
CA PHE A 464 -6.45 -2.65 9.65
C PHE A 464 -5.80 -4.02 9.74
N GLY A 465 -4.48 -4.03 9.86
CA GLY A 465 -3.74 -5.29 9.92
C GLY A 465 -3.78 -6.05 8.60
N ILE A 466 -4.04 -5.34 7.52
CA ILE A 466 -4.01 -5.93 6.17
C ILE A 466 -2.60 -5.83 5.58
N PRO A 467 -2.07 -6.91 5.00
CA PRO A 467 -0.69 -6.81 4.50
C PRO A 467 -0.51 -5.64 3.55
N ILE A 468 0.59 -4.90 3.71
CA ILE A 468 1.01 -3.90 2.74
C ILE A 468 1.96 -4.60 1.78
N ARG A 469 1.47 -4.83 0.56
CA ARG A 469 2.22 -5.61 -0.43
C ARG A 469 3.35 -4.81 -1.09
N TYR A 470 3.08 -3.55 -1.40
CA TYR A 470 4.04 -2.71 -2.13
C TYR A 470 3.97 -1.28 -1.66
N ILE A 471 5.10 -0.60 -1.75
CA ILE A 471 5.16 0.83 -1.51
C ILE A 471 5.80 1.52 -2.70
N GLY A 472 5.21 2.63 -3.11
CA GLY A 472 5.73 3.41 -4.22
C GLY A 472 6.67 4.47 -3.72
N VAL A 473 7.93 4.38 -4.11
CA VAL A 473 8.93 5.36 -3.67
C VAL A 473 9.67 5.98 -4.86
N GLY A 474 9.01 6.01 -6.01
CA GLY A 474 9.56 6.67 -7.18
C GLY A 474 8.76 6.34 -8.43
N GLU A 475 9.19 6.89 -9.56
CA GLU A 475 8.43 6.80 -10.81
C GLU A 475 8.68 5.56 -11.64
N ARG A 476 9.78 4.86 -11.37
CA ARG A 476 10.15 3.73 -12.23
C ARG A 476 9.36 2.50 -11.81
N ILE A 477 9.32 1.53 -12.70
CA ILE A 477 8.70 0.24 -12.39
C ILE A 477 9.26 -0.37 -11.10
N GLU A 478 10.59 -0.42 -10.99
CA GLU A 478 11.21 -1.02 -9.80
C GLU A 478 10.98 -0.20 -8.54
N ASP A 479 10.56 1.06 -8.71
CA ASP A 479 10.32 1.92 -7.56
C ASP A 479 9.00 1.57 -6.86
N LEU A 480 8.21 0.70 -7.48
CA LEU A 480 7.10 0.08 -6.77
C LEU A 480 7.65 -1.15 -6.06
N ARG A 481 8.12 -0.96 -4.84
CA ARG A 481 8.93 -1.96 -4.16
C ARG A 481 8.07 -2.88 -3.33
N PRO A 482 8.36 -4.19 -3.37
CA PRO A 482 7.65 -5.06 -2.44
C PRO A 482 7.97 -4.58 -1.05
N PHE A 483 6.95 -4.53 -0.18
CA PHE A 483 7.16 -3.91 1.10
C PHE A 483 7.85 -4.85 2.08
N LYS A 484 8.98 -4.42 2.61
CA LYS A 484 9.66 -5.16 3.65
C LYS A 484 9.82 -4.23 4.85
N ALA A 485 9.23 -4.60 5.98
CA ALA A 485 9.18 -3.73 7.17
C ALA A 485 10.55 -3.37 7.71
N ASP A 486 11.41 -4.37 7.89
CA ASP A 486 12.73 -4.08 8.44
C ASP A 486 13.56 -3.12 7.58
N ASP A 487 13.54 -3.33 6.26
CA ASP A 487 14.25 -2.44 5.33
C ASP A 487 13.68 -1.02 5.37
N PHE A 488 12.35 -0.90 5.40
CA PHE A 488 11.71 0.41 5.46
C PHE A 488 12.11 1.14 6.74
N ILE A 489 12.00 0.45 7.86
CA ILE A 489 12.38 1.03 9.14
C ILE A 489 13.85 1.43 9.17
N GLU A 490 14.73 0.60 8.63
CA GLU A 490 16.15 0.91 8.61
C GLU A 490 16.40 2.21 7.85
N ALA A 491 15.78 2.33 6.68
CA ALA A 491 15.90 3.52 5.87
C ALA A 491 15.31 4.76 6.55
N LEU A 492 14.16 4.60 7.20
CA LEU A 492 13.49 5.72 7.84
C LEU A 492 14.30 6.23 9.01
N PHE A 493 14.92 5.32 9.75
CA PHE A 493 15.63 5.69 10.98
C PHE A 493 17.12 5.95 10.80
N ALA A 494 17.69 5.49 9.69
CA ALA A 494 19.11 5.74 9.43
C ALA A 494 19.37 7.23 9.21
N ARG A 495 20.36 7.78 9.93
CA ARG A 495 20.61 9.22 9.87
C ARG A 495 21.40 9.63 8.63
C1 EDO B . -1.92 2.24 -17.96
O1 EDO B . -1.50 3.60 -18.08
C2 EDO B . -0.77 1.41 -17.39
O2 EDO B . -0.41 1.94 -16.11
C1 EDO C . -13.87 -2.22 -26.18
O1 EDO C . -13.97 -0.79 -26.19
C2 EDO C . -14.05 -2.76 -27.60
O2 EDO C . -12.82 -2.64 -28.33
C1 EDO D . 1.51 -11.29 -22.57
O1 EDO D . 0.42 -12.07 -22.03
C2 EDO D . 2.78 -11.59 -21.80
O2 EDO D . 2.67 -11.07 -20.47
C1 EDO E . 11.23 -1.45 0.23
O1 EDO E . 11.40 -2.84 -0.06
C2 EDO E . 11.32 -1.25 1.75
O2 EDO E . 10.13 -1.75 2.36
C1 EDO F . 13.53 2.89 -4.65
O1 EDO F . 13.30 2.05 -5.79
C2 EDO F . 14.96 3.38 -4.64
O2 EDO F . 15.20 4.20 -5.80
#